data_1B9T
#
_entry.id   1B9T
#
_cell.length_a   124.500
_cell.length_b   124.500
_cell.length_c   71.412
_cell.angle_alpha   90.00
_cell.angle_beta   90.00
_cell.angle_gamma   90.00
#
_symmetry.space_group_name_H-M   'P 4 21 2'
#
loop_
_entity.id
_entity.type
_entity.pdbx_description
1 polymer 'PROTEIN (NEURAMINIDASE)'
2 non-polymer 2-acetamido-2-deoxy-beta-D-glucopyranose
3 non-polymer 'CALCIUM ION'
4 non-polymer "1-(4-CARBOXY-2-GUANIDINOPENTYL)-5,5'-DI(HYDROXYMETHYL)PYRROLIDIN-2-ONE"
5 water water
#
_entity_poly.entity_id   1
_entity_poly.type   'polypeptide(L)'
_entity_poly.pdbx_seq_one_letter_code
;EPEWTYPRLSCQGSTFQKALLISPHRFGEIKGNSAPLIIREPFVACGPKECRHFALTHYAAQPGGYYNGTRKDRNKLRHL
VSVKLGKIPTVENSIFHMAAWSGSACHDGREWTYIGVDGPDNDALVKIKYGEAYTDTYHSYAHNILRTQESACNCIGGDC
YLMITDGSASGISKCRFLKIREGRIIKEILPTGRVEHTEECTCGFASNKTIECACRDNSYTAKRPFVKLNVETDTAEIRL
MCTKTYLDTPRPDDGSIAGPCESNGDKWLGGIKGGFVHQRMASKIGRWYSRTMSKTNRMGMELYVRYDGDPWTDSDALTL
SGVMVSIEEPGWYSFGFEIKDKKCDVPCIGIEMVHDGGKDTWHSAATAIYCLMGSGQLLWDTVTGVDMAL
;
_entity_poly.pdbx_strand_id   A
#
# COMPACT_ATOMS: atom_id res chain seq x y z
N GLU A 1 13.05 -12.46 26.16
CA GLU A 1 12.44 -12.88 24.87
C GLU A 1 11.06 -12.22 24.67
N PRO A 2 10.94 -11.37 23.65
CA PRO A 2 9.67 -10.67 23.36
C PRO A 2 8.58 -11.62 22.91
N GLU A 3 7.33 -11.21 23.04
CA GLU A 3 6.20 -12.02 22.64
C GLU A 3 5.71 -11.63 21.25
N TRP A 4 4.93 -12.50 20.62
CA TRP A 4 4.40 -12.26 19.28
C TRP A 4 3.35 -11.15 19.21
N THR A 5 3.27 -10.51 18.05
CA THR A 5 2.33 -9.42 17.78
C THR A 5 0.95 -9.94 17.35
N TYR A 6 -0.08 -9.40 17.96
CA TYR A 6 -1.46 -9.76 17.67
C TYR A 6 -2.26 -8.50 17.38
N PRO A 7 -3.35 -8.61 16.61
CA PRO A 7 -4.15 -7.42 16.32
C PRO A 7 -5.04 -7.14 17.53
N ARG A 8 -5.09 -5.89 17.97
CA ARG A 8 -5.93 -5.55 19.11
C ARG A 8 -7.00 -4.57 18.65
N LEU A 9 -7.80 -4.07 19.58
CA LEU A 9 -8.85 -3.12 19.23
C LEU A 9 -8.23 -1.78 18.92
N SER A 10 -8.79 -1.06 17.96
CA SER A 10 -8.26 0.25 17.63
C SER A 10 -8.57 1.22 18.75
N CYS A 11 -7.80 2.30 18.84
CA CYS A 11 -8.03 3.29 19.87
C CYS A 11 -9.35 4.02 19.60
N GLN A 12 -9.93 4.60 20.64
CA GLN A 12 -11.18 5.31 20.46
C GLN A 12 -10.96 6.58 19.64
N GLY A 13 -11.93 6.89 18.79
CA GLY A 13 -11.86 8.04 17.94
C GLY A 13 -12.91 7.89 16.86
N SER A 14 -13.10 8.90 16.05
CA SER A 14 -14.13 8.79 15.02
C SER A 14 -13.86 9.64 13.78
N THR A 15 -12.64 10.14 13.65
CA THR A 15 -12.29 10.93 12.47
C THR A 15 -10.80 10.87 12.18
N PHE A 16 -10.44 11.24 10.96
CA PHE A 16 -9.05 11.25 10.52
C PHE A 16 -8.60 12.70 10.36
N GLN A 17 -7.36 12.96 10.75
CA GLN A 17 -6.78 14.29 10.66
C GLN A 17 -5.34 14.21 10.16
N LYS A 18 -4.89 15.32 9.58
CA LYS A 18 -3.54 15.43 9.05
C LYS A 18 -2.59 15.11 10.18
N ALA A 19 -1.74 14.12 9.98
CA ALA A 19 -0.79 13.76 11.02
C ALA A 19 0.60 14.30 10.72
N LEU A 20 1.23 13.79 9.67
CA LEU A 20 2.57 14.23 9.33
C LEU A 20 2.84 14.19 7.83
N LEU A 21 3.72 15.06 7.36
CA LEU A 21 4.08 15.07 5.95
C LEU A 21 5.60 14.94 5.81
N ILE A 22 6.02 14.15 4.83
CA ILE A 22 7.43 13.91 4.57
C ILE A 22 7.75 14.32 3.13
N SER A 23 8.18 15.56 2.95
CA SER A 23 8.52 16.06 1.62
C SER A 23 10.04 16.26 1.52
N PRO A 24 10.79 15.17 1.24
CA PRO A 24 12.25 15.21 1.12
C PRO A 24 12.77 16.13 0.03
N HIS A 25 11.92 16.46 -0.93
CA HIS A 25 12.39 17.31 -2.02
C HIS A 25 12.15 18.79 -1.81
N ARG A 26 11.87 19.13 -0.56
CA ARG A 26 11.68 20.51 -0.14
C ARG A 26 13.10 20.92 0.24
N PHE A 27 14.04 20.00 0.00
CA PHE A 27 15.45 20.23 0.32
C PHE A 27 16.40 19.83 -0.81
N GLY A 28 15.85 19.52 -1.98
CA GLY A 28 16.69 19.11 -3.09
C GLY A 28 16.98 20.20 -4.12
N GLU A 29 16.93 21.46 -3.70
CA GLU A 29 17.22 22.56 -4.61
C GLU A 29 18.65 22.41 -5.14
N ILE A 30 18.92 23.01 -6.28
CA ILE A 30 20.27 22.98 -6.85
C ILE A 30 21.10 23.83 -5.91
N LYS A 31 20.42 24.76 -5.24
CA LYS A 31 21.03 25.70 -4.30
C LYS A 31 21.24 25.14 -2.90
N GLY A 32 20.44 24.14 -2.53
CA GLY A 32 20.55 23.55 -1.19
C GLY A 32 21.78 22.68 -0.99
N ASN A 33 21.89 22.09 0.20
CA ASN A 33 23.03 21.25 0.51
C ASN A 33 22.59 19.87 0.99
N SER A 34 21.38 19.47 0.64
CA SER A 34 20.86 18.17 1.05
C SER A 34 20.87 17.15 -0.09
N ALA A 35 20.58 15.89 0.26
CA ALA A 35 20.58 14.83 -0.74
C ALA A 35 19.47 13.80 -0.54
N PRO A 36 18.21 14.17 -0.84
CA PRO A 36 17.10 13.24 -0.69
C PRO A 36 17.12 12.22 -1.83
N LEU A 37 16.81 10.98 -1.50
CA LEU A 37 16.80 9.90 -2.50
C LEU A 37 15.57 9.99 -3.39
N ILE A 38 15.74 9.63 -4.66
CA ILE A 38 14.63 9.63 -5.61
C ILE A 38 13.93 8.27 -5.41
N ILE A 39 12.66 8.30 -5.06
CA ILE A 39 11.92 7.06 -4.80
C ILE A 39 10.50 6.97 -5.37
N ARG A 40 9.78 5.95 -4.94
CA ARG A 40 8.41 5.71 -5.34
C ARG A 40 7.88 4.51 -4.56
N GLU A 41 6.56 4.35 -4.55
CA GLU A 41 5.88 3.28 -3.83
C GLU A 41 6.27 3.27 -2.36
N PRO A 42 6.08 4.41 -1.68
CA PRO A 42 6.43 4.45 -0.25
C PRO A 42 5.36 3.75 0.58
N PHE A 43 5.74 3.33 1.77
CA PHE A 43 4.79 2.68 2.67
C PHE A 43 5.35 2.60 4.07
N VAL A 44 4.46 2.75 5.04
CA VAL A 44 4.86 2.72 6.43
C VAL A 44 4.40 1.42 7.08
N ALA A 45 5.26 0.88 7.94
CA ALA A 45 4.95 -0.33 8.66
C ALA A 45 5.49 -0.06 10.05
N CYS A 46 4.80 -0.57 11.07
CA CYS A 46 5.25 -0.34 12.44
C CYS A 46 5.40 -1.60 13.28
N GLY A 47 6.32 -1.53 14.24
CA GLY A 47 6.53 -2.63 15.15
C GLY A 47 6.00 -2.15 16.49
N PRO A 48 6.25 -2.87 17.59
CA PRO A 48 5.75 -2.43 18.90
C PRO A 48 6.42 -1.16 19.44
N LYS A 49 7.64 -0.90 18.99
CA LYS A 49 8.40 0.26 19.47
C LYS A 49 8.68 1.36 18.46
N GLU A 50 8.54 1.07 17.17
CA GLU A 50 8.81 2.09 16.17
C GLU A 50 8.12 1.89 14.82
N CYS A 51 7.95 2.99 14.12
CA CYS A 51 7.34 2.96 12.81
C CYS A 51 8.45 3.26 11.81
N ARG A 52 8.45 2.56 10.69
CA ARG A 52 9.47 2.80 9.70
C ARG A 52 8.86 3.14 8.37
N HIS A 53 9.49 4.10 7.71
CA HIS A 53 9.07 4.59 6.42
C HIS A 53 9.88 3.90 5.32
N PHE A 54 9.34 2.82 4.77
CA PHE A 54 10.01 2.08 3.67
C PHE A 54 9.69 2.73 2.31
N ALA A 55 10.48 2.41 1.29
CA ALA A 55 10.26 2.91 -0.07
C ALA A 55 11.18 2.21 -1.08
N LEU A 56 11.01 2.51 -2.36
CA LEU A 56 11.82 1.91 -3.43
C LEU A 56 12.61 3.00 -4.12
N THR A 57 13.92 3.04 -3.89
CA THR A 57 14.78 4.07 -4.47
C THR A 57 15.35 3.67 -5.81
N HIS A 58 15.73 4.68 -6.59
CA HIS A 58 16.33 4.47 -7.90
C HIS A 58 17.84 4.70 -7.74
N TYR A 59 18.33 4.52 -6.51
CA TYR A 59 19.73 4.70 -6.19
C TYR A 59 20.21 6.01 -6.80
N ALA A 60 19.43 7.05 -6.61
CA ALA A 60 19.75 8.36 -7.13
C ALA A 60 19.26 9.41 -6.15
N ALA A 61 19.79 10.62 -6.26
CA ALA A 61 19.40 11.71 -5.36
C ALA A 61 19.24 13.03 -6.09
N GLN A 62 18.60 13.99 -5.43
CA GLN A 62 18.39 15.31 -6.01
C GLN A 62 18.96 16.39 -5.11
N PRO A 63 19.82 17.28 -5.66
CA PRO A 63 20.23 17.28 -7.07
C PRO A 63 21.23 16.16 -7.37
N GLY A 64 21.19 15.63 -8.58
CA GLY A 64 22.10 14.57 -8.96
C GLY A 64 22.26 14.50 -10.46
N GLY A 65 22.84 13.41 -10.96
CA GLY A 65 23.05 13.29 -12.40
C GLY A 65 22.45 12.06 -13.08
N TYR A 66 21.68 11.26 -12.37
CA TYR A 66 21.07 10.06 -12.97
C TYR A 66 19.54 10.12 -12.91
N TYR A 67 18.95 11.18 -13.46
CA TYR A 67 17.49 11.32 -13.44
C TYR A 67 16.82 10.47 -14.51
N ASN A 68 17.57 10.14 -15.55
CA ASN A 68 17.01 9.33 -16.64
C ASN A 68 16.81 7.89 -16.23
N GLY A 69 15.56 7.43 -16.28
CA GLY A 69 15.24 6.06 -15.92
C GLY A 69 14.51 5.96 -14.60
N THR A 70 14.45 7.06 -13.87
CA THR A 70 13.78 7.10 -12.58
C THR A 70 12.28 6.99 -12.76
N ARG A 71 11.78 7.32 -13.95
CA ARG A 71 10.35 7.23 -14.22
C ARG A 71 9.98 5.81 -14.61
N LYS A 72 10.98 4.97 -14.89
CA LYS A 72 10.72 3.58 -15.23
C LYS A 72 10.59 2.86 -13.89
N ASP A 73 9.96 1.68 -13.88
CA ASP A 73 9.74 0.96 -12.63
C ASP A 73 10.75 -0.12 -12.28
N ARG A 74 10.89 -1.10 -13.16
CA ARG A 74 11.81 -2.20 -12.90
C ARG A 74 13.19 -1.99 -13.51
N ASN A 75 14.22 -2.33 -12.75
CA ASN A 75 15.60 -2.21 -13.22
C ASN A 75 16.58 -2.78 -12.20
N LYS A 76 17.85 -2.90 -12.61
CA LYS A 76 18.89 -3.48 -11.77
C LYS A 76 19.46 -2.59 -10.67
N LEU A 77 19.01 -1.35 -10.60
CA LEU A 77 19.51 -0.42 -9.60
C LEU A 77 18.53 -0.19 -8.45
N ARG A 78 17.26 -0.52 -8.67
CA ARG A 78 16.24 -0.31 -7.64
C ARG A 78 16.51 -1.10 -6.36
N HIS A 79 16.36 -0.41 -5.24
CA HIS A 79 16.58 -1.01 -3.93
C HIS A 79 15.49 -0.58 -2.98
N LEU A 80 15.17 -1.45 -2.02
CA LEU A 80 14.18 -1.15 -0.98
C LEU A 80 14.97 -0.52 0.18
N VAL A 81 14.63 0.72 0.53
CA VAL A 81 15.29 1.43 1.62
C VAL A 81 14.27 1.79 2.68
N SER A 82 14.73 2.35 3.78
CA SER A 82 13.84 2.72 4.86
C SER A 82 14.53 3.57 5.91
N VAL A 83 13.79 4.52 6.45
CA VAL A 83 14.29 5.42 7.49
C VAL A 83 13.24 5.33 8.58
N LYS A 84 13.55 5.78 9.79
CA LYS A 84 12.55 5.76 10.85
C LYS A 84 11.51 6.82 10.49
N LEU A 85 10.25 6.56 10.80
CA LEU A 85 9.17 7.50 10.50
C LEU A 85 9.39 8.82 11.22
N GLY A 86 9.69 9.86 10.46
CA GLY A 86 9.93 11.16 11.07
C GLY A 86 11.26 11.74 10.62
N LYS A 87 12.04 10.93 9.91
CA LYS A 87 13.34 11.34 9.39
C LYS A 87 13.25 11.47 7.87
N ILE A 88 13.95 12.45 7.30
CA ILE A 88 13.94 12.65 5.84
C ILE A 88 14.79 11.56 5.22
N PRO A 89 14.23 10.80 4.26
CA PRO A 89 15.02 9.74 3.64
C PRO A 89 16.09 10.27 2.70
N THR A 90 17.26 10.49 3.29
CA THR A 90 18.40 10.99 2.55
C THR A 90 19.40 9.86 2.38
N VAL A 91 20.40 10.11 1.55
CA VAL A 91 21.46 9.14 1.27
C VAL A 91 22.07 8.56 2.55
N GLU A 92 22.36 9.43 3.52
CA GLU A 92 22.98 8.97 4.75
C GLU A 92 22.00 8.50 5.84
N ASN A 93 20.81 9.10 5.87
CA ASN A 93 19.80 8.74 6.84
C ASN A 93 19.26 7.33 6.57
N SER A 94 19.17 7.01 5.29
CA SER A 94 18.62 5.74 4.81
C SER A 94 19.45 4.47 5.03
N ILE A 95 18.75 3.34 4.95
CA ILE A 95 19.35 2.01 5.08
C ILE A 95 18.86 1.22 3.87
N PHE A 96 19.75 0.48 3.23
CA PHE A 96 19.38 -0.33 2.07
C PHE A 96 19.26 -1.78 2.52
N HIS A 97 18.06 -2.33 2.43
CA HIS A 97 17.83 -3.70 2.85
C HIS A 97 18.19 -4.75 1.81
N MET A 98 17.89 -4.45 0.55
CA MET A 98 18.17 -5.38 -0.54
C MET A 98 17.80 -4.77 -1.89
N ALA A 99 18.20 -5.43 -2.97
CA ALA A 99 17.90 -4.95 -4.30
C ALA A 99 16.52 -5.48 -4.66
N ALA A 100 15.63 -4.60 -5.12
CA ALA A 100 14.27 -5.00 -5.48
C ALA A 100 13.50 -3.91 -6.20
N TRP A 101 12.54 -4.29 -7.04
CA TRP A 101 11.71 -3.30 -7.73
C TRP A 101 10.25 -3.43 -7.31
N SER A 102 10.01 -4.23 -6.28
CA SER A 102 8.69 -4.46 -5.69
C SER A 102 8.95 -4.93 -4.28
N GLY A 103 8.20 -4.45 -3.29
CA GLY A 103 8.48 -4.89 -1.94
C GLY A 103 7.41 -4.74 -0.88
N SER A 104 7.71 -5.28 0.29
CA SER A 104 6.82 -5.25 1.45
C SER A 104 7.64 -5.52 2.72
N ALA A 105 7.07 -5.21 3.87
CA ALA A 105 7.75 -5.44 5.13
C ALA A 105 6.74 -5.40 6.24
N CYS A 106 7.03 -6.14 7.31
CA CYS A 106 6.13 -6.18 8.45
C CYS A 106 6.92 -6.68 9.65
N HIS A 107 6.63 -6.13 10.82
CA HIS A 107 7.31 -6.54 12.03
C HIS A 107 6.41 -7.51 12.78
N ASP A 108 6.96 -8.62 13.28
CA ASP A 108 6.16 -9.62 13.98
C ASP A 108 6.18 -9.58 15.50
N GLY A 109 6.60 -8.45 16.06
CA GLY A 109 6.64 -8.32 17.50
C GLY A 109 8.01 -8.67 18.04
N ARG A 110 8.78 -9.37 17.22
CA ARG A 110 10.13 -9.81 17.60
C ARG A 110 11.22 -9.28 16.65
N GLU A 111 11.03 -9.48 15.36
CA GLU A 111 12.01 -9.04 14.37
C GLU A 111 11.36 -8.61 13.08
N TRP A 112 12.06 -7.77 12.32
CA TRP A 112 11.56 -7.29 11.05
C TRP A 112 11.68 -8.34 9.95
N THR A 113 10.73 -8.30 9.01
CA THR A 113 10.72 -9.19 7.86
C THR A 113 10.64 -8.30 6.62
N TYR A 114 11.68 -8.33 5.80
CA TYR A 114 11.70 -7.52 4.59
C TYR A 114 11.47 -8.41 3.37
N ILE A 115 10.63 -7.95 2.46
CA ILE A 115 10.33 -8.72 1.25
C ILE A 115 10.73 -7.89 0.05
N GLY A 116 11.44 -8.52 -0.88
CA GLY A 116 11.87 -7.81 -2.07
C GLY A 116 11.76 -8.67 -3.32
N VAL A 117 11.48 -8.03 -4.45
CA VAL A 117 11.36 -8.73 -5.71
C VAL A 117 12.22 -8.08 -6.77
N ASP A 118 13.01 -8.90 -7.44
CA ASP A 118 13.87 -8.42 -8.50
C ASP A 118 14.22 -9.59 -9.41
N GLY A 119 14.76 -9.28 -10.58
CA GLY A 119 15.12 -10.33 -11.52
C GLY A 119 14.42 -10.10 -12.84
N PRO A 120 14.66 -10.97 -13.84
CA PRO A 120 14.03 -10.82 -15.15
C PRO A 120 12.51 -10.87 -15.04
N ASP A 121 11.81 -10.07 -15.85
CA ASP A 121 10.35 -10.03 -15.82
C ASP A 121 9.70 -11.41 -15.97
N ASN A 122 10.29 -12.25 -16.82
CA ASN A 122 9.76 -13.58 -17.08
C ASN A 122 10.09 -14.64 -16.03
N ASP A 123 11.04 -14.34 -15.14
CA ASP A 123 11.43 -15.28 -14.10
C ASP A 123 11.93 -14.51 -12.87
N ALA A 124 11.15 -13.55 -12.42
CA ALA A 124 11.50 -12.72 -11.27
C ALA A 124 11.58 -13.55 -10.00
N LEU A 125 12.00 -12.93 -8.90
CA LEU A 125 12.12 -13.63 -7.64
C LEU A 125 11.75 -12.83 -6.41
N VAL A 126 11.10 -13.52 -5.47
CA VAL A 126 10.66 -12.93 -4.21
C VAL A 126 11.65 -13.39 -3.14
N LYS A 127 12.32 -12.44 -2.50
CA LYS A 127 13.30 -12.75 -1.46
C LYS A 127 12.89 -12.30 -0.07
N ILE A 128 12.83 -13.24 0.85
CA ILE A 128 12.47 -12.97 2.23
C ILE A 128 13.75 -12.74 3.05
N LYS A 129 13.72 -11.71 3.89
CA LYS A 129 14.85 -11.38 4.75
C LYS A 129 14.37 -11.25 6.18
N TYR A 130 15.08 -11.87 7.12
CA TYR A 130 14.70 -11.79 8.52
C TYR A 130 15.81 -11.09 9.28
N GLY A 131 15.60 -9.80 9.56
CA GLY A 131 16.64 -9.04 10.23
C GLY A 131 17.73 -8.90 9.19
N GLU A 132 18.96 -9.25 9.57
CA GLU A 132 20.11 -9.15 8.66
C GLU A 132 20.39 -10.39 7.79
N ALA A 133 19.60 -11.46 7.95
CA ALA A 133 19.84 -12.67 7.18
C ALA A 133 18.83 -13.02 6.08
N TYR A 134 19.38 -13.36 4.92
CA TYR A 134 18.58 -13.74 3.77
C TYR A 134 18.14 -15.16 4.06
N THR A 135 16.83 -15.34 4.12
CA THR A 135 16.25 -16.61 4.49
C THR A 135 15.48 -17.46 3.49
N ASP A 136 14.89 -16.86 2.47
CA ASP A 136 14.12 -17.68 1.54
C ASP A 136 13.75 -16.97 0.25
N THR A 137 13.24 -17.74 -0.70
CA THR A 137 12.84 -17.18 -1.97
C THR A 137 11.61 -17.90 -2.51
N TYR A 138 10.92 -17.27 -3.46
CA TYR A 138 9.74 -17.84 -4.11
C TYR A 138 9.81 -17.47 -5.58
N HIS A 139 9.62 -18.46 -6.44
CA HIS A 139 9.71 -18.21 -7.86
C HIS A 139 8.42 -17.81 -8.58
N SER A 140 8.58 -17.25 -9.76
CA SER A 140 7.46 -16.81 -10.58
C SER A 140 6.66 -18.03 -11.05
N TYR A 141 5.34 -17.95 -10.97
CA TYR A 141 4.50 -19.06 -11.42
C TYR A 141 3.85 -18.77 -12.77
N ALA A 142 3.47 -17.52 -13.00
CA ALA A 142 2.85 -17.15 -14.26
C ALA A 142 3.92 -16.65 -15.22
N HIS A 143 5.13 -16.48 -14.71
CA HIS A 143 6.26 -16.03 -15.52
C HIS A 143 6.08 -14.68 -16.20
N ASN A 144 5.55 -13.70 -15.47
CA ASN A 144 5.35 -12.36 -16.01
C ASN A 144 5.30 -11.32 -14.90
N ILE A 145 6.48 -10.84 -14.50
CA ILE A 145 6.63 -9.85 -13.45
C ILE A 145 6.03 -10.28 -12.13
N LEU A 146 6.73 -11.14 -11.42
CA LEU A 146 6.28 -11.58 -10.12
C LEU A 146 6.40 -10.30 -9.29
N ARG A 147 5.34 -9.91 -8.61
CA ARG A 147 5.39 -8.69 -7.82
C ARG A 147 4.64 -8.84 -6.52
N THR A 148 4.77 -7.86 -5.63
CA THR A 148 4.08 -7.93 -4.36
C THR A 148 3.28 -6.65 -4.01
N GLN A 149 2.82 -6.56 -2.76
CA GLN A 149 1.97 -5.46 -2.27
C GLN A 149 2.34 -3.98 -2.37
N GLU A 150 3.52 -3.59 -1.88
CA GLU A 150 3.91 -2.19 -1.86
C GLU A 150 3.29 -1.55 -0.62
N SER A 151 3.07 -2.39 0.39
CA SER A 151 2.49 -2.01 1.66
C SER A 151 2.85 -3.15 2.63
N ALA A 152 2.65 -2.93 3.93
CA ALA A 152 3.02 -3.91 4.95
C ALA A 152 2.30 -5.25 4.94
N CYS A 153 3.06 -6.33 5.14
CA CYS A 153 2.46 -7.66 5.22
C CYS A 153 1.89 -7.67 6.64
N ASN A 154 1.09 -8.67 6.97
CA ASN A 154 0.47 -8.72 8.28
C ASN A 154 0.81 -9.95 9.08
N CYS A 155 1.47 -9.75 10.22
CA CYS A 155 1.86 -10.85 11.08
C CYS A 155 0.90 -11.03 12.26
N ILE A 156 0.66 -12.29 12.64
CA ILE A 156 -0.24 -12.61 13.74
C ILE A 156 0.25 -13.87 14.47
N GLY A 157 0.60 -13.70 15.74
CA GLY A 157 1.09 -14.83 16.51
C GLY A 157 2.40 -15.40 16.00
N GLY A 158 3.08 -14.67 15.11
CA GLY A 158 4.35 -15.16 14.60
C GLY A 158 4.33 -15.54 13.13
N ASP A 159 3.14 -15.82 12.60
CA ASP A 159 2.98 -16.16 11.18
C ASP A 159 2.61 -14.88 10.45
N CYS A 160 3.29 -14.60 9.35
CA CYS A 160 3.02 -13.41 8.56
C CYS A 160 2.41 -13.80 7.22
N TYR A 161 1.45 -13.01 6.75
CA TYR A 161 0.80 -13.27 5.49
C TYR A 161 1.13 -12.18 4.46
N LEU A 162 1.48 -12.61 3.25
CA LEU A 162 1.85 -11.67 2.19
C LEU A 162 1.30 -12.05 0.81
N MET A 163 0.60 -11.11 0.18
CA MET A 163 0.02 -11.30 -1.13
C MET A 163 1.10 -11.16 -2.20
N ILE A 164 1.09 -12.06 -3.17
CA ILE A 164 2.04 -12.01 -4.28
C ILE A 164 1.19 -12.17 -5.54
N THR A 165 1.76 -11.90 -6.71
CA THR A 165 1.01 -12.01 -7.95
C THR A 165 1.91 -12.08 -9.19
N ASP A 166 1.47 -12.85 -10.17
CA ASP A 166 2.20 -13.06 -11.41
C ASP A 166 1.19 -13.04 -12.54
N GLY A 167 1.54 -12.37 -13.64
CA GLY A 167 0.64 -12.29 -14.77
C GLY A 167 0.76 -10.97 -15.52
N SER A 168 -0.07 -10.80 -16.55
CA SER A 168 -0.05 -9.59 -17.35
C SER A 168 -0.81 -8.50 -16.64
N ALA A 169 -0.43 -7.25 -16.86
CA ALA A 169 -1.12 -6.12 -16.22
C ALA A 169 -2.42 -5.84 -16.95
N SER A 170 -2.47 -6.25 -18.22
CA SER A 170 -3.66 -6.05 -19.04
C SER A 170 -4.36 -7.39 -19.28
N GLY A 171 -3.91 -8.41 -18.57
CA GLY A 171 -4.49 -9.72 -18.72
C GLY A 171 -4.80 -10.39 -17.40
N ILE A 172 -4.47 -11.67 -17.29
CA ILE A 172 -4.76 -12.43 -16.08
C ILE A 172 -3.58 -12.52 -15.11
N SER A 173 -3.81 -12.08 -13.88
CA SER A 173 -2.81 -12.11 -12.83
C SER A 173 -3.47 -12.67 -11.58
N LYS A 174 -3.39 -13.99 -11.40
CA LYS A 174 -3.97 -14.64 -10.24
C LYS A 174 -3.00 -14.44 -9.11
N CYS A 175 -3.45 -13.78 -8.05
CA CYS A 175 -2.58 -13.54 -6.91
C CYS A 175 -2.51 -14.75 -6.00
N ARG A 176 -1.47 -14.77 -5.18
CA ARG A 176 -1.23 -15.85 -4.25
C ARG A 176 -0.88 -15.25 -2.90
N PHE A 177 -0.96 -16.07 -1.86
CA PHE A 177 -0.62 -15.60 -0.52
C PHE A 177 0.40 -16.52 0.10
N LEU A 178 1.40 -15.93 0.73
CA LEU A 178 2.45 -16.71 1.36
C LEU A 178 2.36 -16.57 2.87
N LYS A 179 2.39 -17.70 3.57
CA LYS A 179 2.35 -17.71 5.01
C LYS A 179 3.80 -17.87 5.40
N ILE A 180 4.43 -16.76 5.75
CA ILE A 180 5.83 -16.75 6.14
C ILE A 180 6.00 -16.78 7.66
N ARG A 181 7.00 -17.52 8.15
CA ARG A 181 7.26 -17.60 9.59
C ARG A 181 8.75 -17.60 9.88
N GLU A 182 9.21 -16.57 10.59
CA GLU A 182 10.62 -16.45 10.94
C GLU A 182 11.50 -16.45 9.69
N GLY A 183 10.98 -15.86 8.61
CA GLY A 183 11.72 -15.76 7.37
C GLY A 183 11.48 -16.88 6.38
N ARG A 184 10.89 -17.99 6.84
CA ARG A 184 10.65 -19.11 5.93
C ARG A 184 9.17 -19.33 5.60
N ILE A 185 8.89 -19.46 4.31
CA ILE A 185 7.53 -19.70 3.84
C ILE A 185 7.07 -21.09 4.27
N ILE A 186 6.13 -21.17 5.20
CA ILE A 186 5.64 -22.46 5.65
C ILE A 186 4.33 -22.84 4.94
N LYS A 187 3.88 -22.00 4.00
CA LYS A 187 2.64 -22.28 3.28
C LYS A 187 2.36 -21.34 2.11
N GLU A 188 1.57 -21.82 1.17
CA GLU A 188 1.21 -21.04 0.00
C GLU A 188 -0.27 -21.27 -0.28
N ILE A 189 -1.06 -20.22 -0.07
CA ILE A 189 -2.51 -20.28 -0.25
C ILE A 189 -2.98 -19.87 -1.64
N LEU A 190 -3.91 -20.66 -2.20
CA LEU A 190 -4.50 -20.38 -3.51
C LEU A 190 -5.94 -19.85 -3.31
N PRO A 191 -6.16 -18.55 -3.50
CA PRO A 191 -7.49 -17.96 -3.31
C PRO A 191 -8.58 -18.53 -4.23
N THR A 192 -9.82 -18.46 -3.75
CA THR A 192 -11.00 -18.97 -4.46
C THR A 192 -11.87 -17.78 -4.91
N GLY A 193 -12.72 -17.99 -5.92
CA GLY A 193 -13.60 -16.93 -6.40
C GLY A 193 -13.08 -16.11 -7.57
N ARG A 194 -13.39 -14.82 -7.61
CA ARG A 194 -12.93 -13.95 -8.70
C ARG A 194 -11.43 -13.76 -8.61
N VAL A 195 -10.71 -14.25 -9.62
CA VAL A 195 -9.27 -14.17 -9.62
C VAL A 195 -8.64 -13.79 -10.97
N GLU A 196 -9.45 -13.35 -11.91
CA GLU A 196 -8.92 -12.98 -13.23
C GLU A 196 -7.74 -12.02 -13.09
N HIS A 197 -7.83 -11.11 -12.13
CA HIS A 197 -6.78 -10.13 -11.88
C HIS A 197 -6.84 -9.62 -10.43
N THR A 198 -5.70 -9.70 -9.74
CA THR A 198 -5.62 -9.26 -8.35
C THR A 198 -4.17 -8.94 -7.98
N GLU A 199 -3.85 -7.65 -7.88
CA GLU A 199 -2.49 -7.24 -7.54
C GLU A 199 -2.50 -6.15 -6.48
N GLU A 200 -1.29 -5.67 -6.14
CA GLU A 200 -1.06 -4.60 -5.15
C GLU A 200 -2.11 -4.51 -4.05
N CYS A 201 -2.23 -5.57 -3.25
CA CYS A 201 -3.23 -5.59 -2.19
C CYS A 201 -2.85 -4.86 -0.91
N THR A 202 -3.81 -4.12 -0.35
CA THR A 202 -3.58 -3.42 0.90
C THR A 202 -4.31 -4.28 1.93
N CYS A 203 -3.55 -5.09 2.66
CA CYS A 203 -4.15 -5.99 3.64
C CYS A 203 -4.04 -5.53 5.08
N GLY A 204 -4.95 -6.01 5.92
CA GLY A 204 -4.95 -5.66 7.32
C GLY A 204 -5.89 -6.56 8.10
N PHE A 205 -5.66 -6.70 9.40
CA PHE A 205 -6.50 -7.57 10.24
C PHE A 205 -7.87 -6.99 10.56
N ALA A 206 -8.92 -7.72 10.20
CA ALA A 206 -10.28 -7.29 10.49
C ALA A 206 -10.62 -7.89 11.84
N SER A 207 -9.79 -8.83 12.26
CA SER A 207 -9.97 -9.51 13.54
C SER A 207 -8.84 -10.51 13.71
N ASN A 208 -8.96 -11.34 14.75
CA ASN A 208 -7.93 -12.35 15.02
C ASN A 208 -8.10 -13.61 14.17
N LYS A 209 -9.10 -13.58 13.30
CA LYS A 209 -9.36 -14.74 12.45
C LYS A 209 -9.35 -14.38 10.97
N THR A 210 -9.46 -13.10 10.65
CA THR A 210 -9.51 -12.69 9.25
C THR A 210 -8.69 -11.48 8.83
N ILE A 211 -8.07 -11.60 7.66
CA ILE A 211 -7.27 -10.54 7.06
C ILE A 211 -8.05 -10.12 5.83
N GLU A 212 -8.18 -8.83 5.60
CA GLU A 212 -8.90 -8.34 4.42
C GLU A 212 -7.97 -7.53 3.54
N CYS A 213 -8.28 -7.46 2.25
CA CYS A 213 -7.46 -6.69 1.33
C CYS A 213 -8.25 -5.97 0.26
N ALA A 214 -7.87 -4.73 -0.02
CA ALA A 214 -8.50 -3.96 -1.08
C ALA A 214 -7.40 -3.98 -2.13
N CYS A 215 -7.68 -4.61 -3.26
CA CYS A 215 -6.67 -4.74 -4.29
C CYS A 215 -6.91 -3.95 -5.56
N ARG A 216 -6.05 -4.20 -6.53
CA ARG A 216 -6.11 -3.51 -7.81
C ARG A 216 -6.29 -4.44 -9.01
N ASP A 217 -7.25 -4.11 -9.88
CA ASP A 217 -7.45 -4.88 -11.09
C ASP A 217 -7.07 -3.92 -12.21
N ASN A 218 -5.98 -4.25 -12.89
CA ASN A 218 -5.43 -3.42 -13.95
C ASN A 218 -6.07 -3.57 -15.33
N SER A 219 -6.92 -4.57 -15.52
CA SER A 219 -7.49 -4.75 -16.87
C SER A 219 -8.96 -5.08 -17.06
N TYR A 220 -9.67 -5.41 -15.98
CA TYR A 220 -11.08 -5.79 -16.13
C TYR A 220 -12.15 -4.91 -15.52
N THR A 221 -11.90 -4.38 -14.33
CA THR A 221 -12.91 -3.57 -13.66
C THR A 221 -12.39 -2.36 -12.91
N ALA A 222 -13.29 -1.41 -12.68
CA ALA A 222 -12.95 -0.21 -11.94
C ALA A 222 -13.30 -0.48 -10.48
N LYS A 223 -13.92 -1.64 -10.25
CA LYS A 223 -14.26 -2.04 -8.89
C LYS A 223 -13.00 -2.69 -8.34
N ARG A 224 -12.78 -2.57 -7.05
CA ARG A 224 -11.60 -3.14 -6.43
C ARG A 224 -11.81 -4.58 -5.99
N PRO A 225 -10.99 -5.51 -6.49
CA PRO A 225 -11.18 -6.89 -6.05
C PRO A 225 -11.02 -6.88 -4.52
N PHE A 226 -11.77 -7.71 -3.81
CA PHE A 226 -11.69 -7.73 -2.35
C PHE A 226 -11.36 -9.10 -1.81
N VAL A 227 -10.25 -9.18 -1.08
CA VAL A 227 -9.81 -10.42 -0.49
C VAL A 227 -10.21 -10.56 0.99
N LYS A 228 -10.53 -11.79 1.38
CA LYS A 228 -10.90 -12.14 2.73
C LYS A 228 -10.12 -13.43 2.96
N LEU A 229 -9.12 -13.37 3.82
CA LEU A 229 -8.30 -14.54 4.10
C LEU A 229 -8.59 -15.06 5.50
N ASN A 230 -9.02 -16.30 5.59
CA ASN A 230 -9.30 -16.87 6.90
C ASN A 230 -7.99 -17.38 7.47
N VAL A 231 -7.41 -16.57 8.35
CA VAL A 231 -6.15 -16.91 8.97
C VAL A 231 -6.22 -18.25 9.68
N GLU A 232 -7.39 -18.59 10.20
CA GLU A 232 -7.60 -19.84 10.95
C GLU A 232 -7.51 -21.10 10.10
N THR A 233 -7.81 -21.00 8.82
CA THR A 233 -7.76 -22.15 7.95
C THR A 233 -6.86 -21.90 6.76
N ASP A 234 -6.24 -20.72 6.74
CA ASP A 234 -5.36 -20.34 5.65
C ASP A 234 -6.02 -20.51 4.28
N THR A 235 -7.29 -20.15 4.20
CA THR A 235 -8.01 -20.24 2.93
C THR A 235 -8.43 -18.81 2.60
N ALA A 236 -8.46 -18.49 1.31
CA ALA A 236 -8.84 -17.16 0.86
C ALA A 236 -10.03 -17.23 -0.09
N GLU A 237 -10.39 -16.08 -0.66
CA GLU A 237 -11.50 -15.98 -1.59
C GLU A 237 -11.64 -14.52 -2.00
N ILE A 238 -11.73 -14.28 -3.31
CA ILE A 238 -11.87 -12.93 -3.84
C ILE A 238 -13.14 -12.69 -4.65
N ARG A 239 -13.61 -11.44 -4.64
CA ARG A 239 -14.77 -11.02 -5.42
C ARG A 239 -14.92 -9.51 -5.36
N LEU A 240 -15.15 -8.91 -6.53
CA LEU A 240 -15.31 -7.46 -6.70
C LEU A 240 -16.16 -6.80 -5.62
N MET A 241 -15.67 -5.67 -5.10
CA MET A 241 -16.40 -4.92 -4.07
C MET A 241 -17.74 -4.54 -4.67
N CYS A 242 -18.77 -4.37 -3.83
CA CYS A 242 -20.07 -4.04 -4.38
C CYS A 242 -20.62 -2.63 -4.19
N THR A 243 -19.89 -1.76 -3.50
CA THR A 243 -20.37 -0.40 -3.31
C THR A 243 -20.43 0.38 -4.62
N LYS A 244 -21.18 1.48 -4.63
CA LYS A 244 -21.30 2.29 -5.84
C LYS A 244 -20.14 3.27 -5.97
N THR A 245 -19.46 3.53 -4.86
CA THR A 245 -18.32 4.44 -4.89
C THR A 245 -17.11 3.62 -5.34
N TYR A 246 -16.90 3.54 -6.65
CA TYR A 246 -15.77 2.79 -7.19
C TYR A 246 -14.50 3.45 -6.66
N LEU A 247 -13.59 2.64 -6.14
CA LEU A 247 -12.37 3.16 -5.55
C LEU A 247 -11.11 3.13 -6.41
N ASP A 248 -11.23 2.65 -7.64
CA ASP A 248 -10.08 2.57 -8.54
C ASP A 248 -9.97 3.87 -9.34
N THR A 249 -8.92 3.99 -10.13
CA THR A 249 -8.70 5.15 -11.00
C THR A 249 -7.98 4.61 -12.21
N PRO A 250 -8.54 4.80 -13.42
CA PRO A 250 -9.80 5.49 -13.71
C PRO A 250 -11.04 4.75 -13.23
N ARG A 251 -12.17 5.42 -13.32
CA ARG A 251 -13.46 4.87 -12.89
C ARG A 251 -14.58 5.73 -13.50
N PRO A 252 -15.78 5.16 -13.66
CA PRO A 252 -16.90 5.92 -14.21
C PRO A 252 -17.67 6.53 -13.05
N ASP A 253 -18.70 7.33 -13.34
CA ASP A 253 -19.48 7.95 -12.27
C ASP A 253 -20.00 6.86 -11.33
N ASP A 254 -20.12 7.16 -10.04
CA ASP A 254 -20.62 6.17 -9.08
C ASP A 254 -21.96 5.65 -9.57
N GLY A 255 -22.19 4.35 -9.42
CA GLY A 255 -23.45 3.76 -9.85
C GLY A 255 -23.58 3.57 -11.35
N SER A 256 -22.58 4.06 -12.10
CA SER A 256 -22.58 3.94 -13.55
C SER A 256 -22.59 2.48 -14.02
N ILE A 257 -21.94 1.61 -13.26
CA ILE A 257 -21.86 0.20 -13.67
C ILE A 257 -23.14 -0.58 -13.36
N ALA A 258 -23.88 -0.85 -14.42
CA ALA A 258 -25.13 -1.57 -14.32
C ALA A 258 -24.92 -3.04 -14.03
N GLY A 259 -25.85 -3.64 -13.29
CA GLY A 259 -25.75 -5.06 -12.99
C GLY A 259 -25.52 -5.40 -11.54
N PRO A 260 -25.34 -6.70 -11.25
CA PRO A 260 -25.10 -7.17 -9.87
C PRO A 260 -23.65 -6.92 -9.41
N CYS A 261 -23.38 -7.26 -8.15
CA CYS A 261 -22.05 -7.06 -7.56
C CYS A 261 -20.88 -7.70 -8.26
N GLU A 262 -21.14 -8.53 -9.27
CA GLU A 262 -20.06 -9.20 -9.96
C GLU A 262 -19.74 -8.60 -11.33
N SER A 263 -20.51 -7.61 -11.75
CA SER A 263 -20.28 -6.98 -13.04
C SER A 263 -18.98 -6.17 -13.03
N ASN A 264 -18.11 -6.44 -14.01
CA ASN A 264 -16.84 -5.73 -14.10
C ASN A 264 -17.07 -4.36 -14.75
N GLY A 265 -18.02 -4.32 -15.68
CA GLY A 265 -18.32 -3.09 -16.39
C GLY A 265 -17.32 -2.88 -17.51
N ASP A 266 -17.04 -1.62 -17.85
CA ASP A 266 -16.07 -1.34 -18.90
C ASP A 266 -14.69 -1.57 -18.29
N LYS A 267 -13.76 -2.03 -19.12
CA LYS A 267 -12.41 -2.31 -18.63
C LYS A 267 -11.83 -1.16 -17.84
N TRP A 268 -11.92 0.05 -18.37
CA TRP A 268 -11.36 1.21 -17.69
C TRP A 268 -9.95 0.79 -17.35
N LEU A 269 -9.36 0.10 -18.34
CA LEU A 269 -8.01 -0.44 -18.27
C LEU A 269 -7.03 0.41 -17.49
N GLY A 270 -6.46 -0.20 -16.47
CA GLY A 270 -5.51 0.50 -15.63
C GLY A 270 -6.07 0.52 -14.23
N GLY A 271 -5.31 1.09 -13.31
CA GLY A 271 -5.75 1.18 -11.93
C GLY A 271 -4.76 1.96 -11.09
N ILE A 272 -4.83 1.72 -9.78
CA ILE A 272 -3.96 2.36 -8.80
C ILE A 272 -4.17 1.68 -7.46
N LYS A 273 -3.13 1.69 -6.63
CA LYS A 273 -3.18 1.09 -5.31
C LYS A 273 -3.97 2.04 -4.40
N GLY A 274 -4.95 1.52 -3.68
CA GLY A 274 -5.76 2.37 -2.82
C GLY A 274 -5.58 2.13 -1.34
N GLY A 275 -5.69 3.21 -0.57
CA GLY A 275 -5.57 3.09 0.86
C GLY A 275 -6.73 2.31 1.42
N PHE A 276 -6.50 1.64 2.54
CA PHE A 276 -7.54 0.85 3.19
C PHE A 276 -7.02 0.40 4.55
N VAL A 277 -7.82 0.61 5.60
CA VAL A 277 -7.40 0.23 6.94
C VAL A 277 -8.63 -0.03 7.83
N HIS A 278 -8.47 -0.87 8.85
CA HIS A 278 -9.56 -1.25 9.76
C HIS A 278 -9.64 -0.52 11.10
N GLN A 279 -10.86 -0.25 11.55
CA GLN A 279 -11.11 0.38 12.84
C GLN A 279 -11.87 -0.67 13.66
N ARG A 280 -11.14 -1.51 14.37
CA ARG A 280 -11.72 -2.58 15.18
C ARG A 280 -12.43 -2.11 16.44
N MET A 281 -13.66 -2.54 16.62
CA MET A 281 -14.46 -2.18 17.78
C MET A 281 -15.04 -3.43 18.44
N ALA A 282 -15.37 -3.32 19.72
CA ALA A 282 -15.92 -4.45 20.46
C ALA A 282 -17.08 -5.14 19.73
N SER A 283 -17.91 -4.37 19.05
CA SER A 283 -19.06 -4.94 18.35
C SER A 283 -19.39 -4.33 16.99
N LYS A 284 -18.46 -3.55 16.44
CA LYS A 284 -18.67 -2.92 15.14
C LYS A 284 -17.34 -2.89 14.40
N ILE A 285 -17.39 -2.69 13.08
CA ILE A 285 -16.16 -2.65 12.32
C ILE A 285 -16.15 -1.50 11.33
N GLY A 286 -15.12 -0.67 11.44
CA GLY A 286 -15.00 0.47 10.55
C GLY A 286 -14.06 0.10 9.43
N ARG A 287 -14.39 0.50 8.21
CA ARG A 287 -13.53 0.22 7.08
C ARG A 287 -13.26 1.52 6.37
N TRP A 288 -12.02 1.97 6.41
CA TRP A 288 -11.68 3.22 5.77
C TRP A 288 -10.96 3.00 4.44
N TYR A 289 -11.43 3.74 3.43
CA TYR A 289 -10.85 3.66 2.09
C TYR A 289 -10.50 5.03 1.57
N SER A 290 -9.60 5.08 0.60
CA SER A 290 -9.20 6.34 -0.01
C SER A 290 -9.25 6.13 -1.52
N ARG A 291 -9.55 7.20 -2.26
CA ARG A 291 -9.64 7.16 -3.72
C ARG A 291 -9.30 8.55 -4.28
N THR A 292 -8.56 8.58 -5.39
CA THR A 292 -8.19 9.85 -5.99
C THR A 292 -9.43 10.71 -6.22
N MET A 293 -9.24 12.03 -6.27
CA MET A 293 -10.37 12.93 -6.47
C MET A 293 -10.79 12.88 -7.94
N SER A 294 -9.84 13.08 -8.85
CA SER A 294 -10.18 13.01 -10.26
C SER A 294 -10.53 11.57 -10.56
N LYS A 295 -11.50 11.37 -11.44
CA LYS A 295 -11.96 10.04 -11.82
C LYS A 295 -11.04 9.43 -12.87
N THR A 296 -10.40 10.27 -13.66
CA THR A 296 -9.52 9.81 -14.71
C THR A 296 -8.03 9.95 -14.36
N ASN A 297 -7.70 10.94 -13.54
CA ASN A 297 -6.30 11.18 -13.18
C ASN A 297 -5.95 11.03 -11.71
N ARG A 298 -4.66 10.84 -11.45
CA ARG A 298 -4.16 10.68 -10.09
C ARG A 298 -3.98 12.02 -9.41
N MET A 299 -5.08 12.75 -9.22
CA MET A 299 -5.03 14.05 -8.58
C MET A 299 -6.04 14.04 -7.43
N GLY A 300 -5.66 14.61 -6.29
CA GLY A 300 -6.56 14.65 -5.15
C GLY A 300 -6.70 13.33 -4.42
N MET A 301 -7.33 13.37 -3.25
CA MET A 301 -7.51 12.16 -2.47
C MET A 301 -8.54 12.39 -1.37
N GLU A 302 -9.56 11.53 -1.35
CA GLU A 302 -10.61 11.65 -0.35
C GLU A 302 -10.71 10.40 0.51
N LEU A 303 -11.19 10.57 1.73
CA LEU A 303 -11.34 9.49 2.68
C LEU A 303 -12.79 9.01 2.79
N TYR A 304 -12.98 7.69 2.79
CA TYR A 304 -14.32 7.13 2.93
C TYR A 304 -14.38 6.19 4.12
N VAL A 305 -15.59 5.85 4.54
CA VAL A 305 -15.77 4.95 5.64
C VAL A 305 -17.13 4.29 5.53
N ARG A 306 -17.18 3.05 6.01
CA ARG A 306 -18.40 2.26 6.00
C ARG A 306 -18.33 1.35 7.20
N TYR A 307 -19.25 1.51 8.15
CA TYR A 307 -19.25 0.65 9.32
C TYR A 307 -20.10 -0.58 9.04
N ASP A 308 -19.53 -1.74 9.31
CA ASP A 308 -20.20 -3.01 9.12
C ASP A 308 -20.70 -3.25 7.70
N GLY A 309 -21.41 -4.37 7.54
CA GLY A 309 -21.92 -4.75 6.24
C GLY A 309 -20.90 -5.66 5.60
N ASP A 310 -21.23 -6.22 4.44
CA ASP A 310 -20.33 -7.10 3.71
C ASP A 310 -19.96 -6.38 2.41
N PRO A 311 -18.71 -5.93 2.28
CA PRO A 311 -18.31 -5.23 1.05
C PRO A 311 -18.58 -6.08 -0.18
N TRP A 312 -18.75 -7.37 0.05
CA TRP A 312 -19.00 -8.30 -1.04
C TRP A 312 -20.43 -8.22 -1.58
N THR A 313 -21.39 -7.85 -0.73
CA THR A 313 -22.79 -7.76 -1.16
C THR A 313 -23.45 -6.41 -0.89
N ASP A 314 -22.77 -5.53 -0.17
CA ASP A 314 -23.31 -4.20 0.14
C ASP A 314 -23.02 -3.24 -1.01
N SER A 315 -24.07 -2.80 -1.68
CA SER A 315 -23.92 -1.89 -2.81
C SER A 315 -24.14 -0.45 -2.41
N ASP A 316 -24.52 -0.25 -1.15
CA ASP A 316 -24.75 1.08 -0.63
C ASP A 316 -23.46 1.91 -0.73
N ALA A 317 -23.57 3.09 -1.31
CA ALA A 317 -22.42 3.99 -1.46
C ALA A 317 -21.75 4.30 -0.12
N LEU A 318 -20.43 4.37 -0.15
CA LEU A 318 -19.63 4.65 1.05
C LEU A 318 -19.88 6.07 1.57
N THR A 319 -19.53 6.30 2.82
CA THR A 319 -19.71 7.63 3.41
C THR A 319 -18.47 8.49 3.26
N LEU A 320 -18.63 9.66 2.64
CA LEU A 320 -17.52 10.58 2.44
C LEU A 320 -17.05 11.10 3.79
N SER A 321 -15.75 10.99 4.05
CA SER A 321 -15.21 11.45 5.31
C SER A 321 -14.33 12.69 5.22
N GLY A 322 -13.81 13.00 4.03
CA GLY A 322 -12.96 14.17 3.90
C GLY A 322 -12.02 14.23 2.72
N VAL A 323 -11.45 15.42 2.49
CA VAL A 323 -10.51 15.64 1.40
C VAL A 323 -9.09 15.76 1.96
N MET A 324 -8.31 14.70 1.82
CA MET A 324 -6.94 14.71 2.32
C MET A 324 -6.00 15.46 1.38
N VAL A 325 -6.39 15.58 0.11
CA VAL A 325 -5.59 16.27 -0.92
C VAL A 325 -6.51 16.84 -2.04
N SER A 326 -6.35 18.12 -2.35
CA SER A 326 -7.15 18.76 -3.39
C SER A 326 -6.78 18.32 -4.82
N ILE A 327 -7.61 18.69 -5.79
CA ILE A 327 -7.37 18.30 -7.19
C ILE A 327 -6.21 19.03 -7.86
N GLU A 328 -5.55 19.93 -7.15
CA GLU A 328 -4.42 20.65 -7.73
C GLU A 328 -3.14 19.97 -7.28
N GLU A 329 -3.27 19.12 -6.28
CA GLU A 329 -2.15 18.39 -5.73
C GLU A 329 -2.22 16.91 -6.07
N PRO A 330 -1.07 16.31 -6.42
CA PRO A 330 -0.95 14.89 -6.77
C PRO A 330 -1.46 13.94 -5.70
N GLY A 331 -2.22 12.93 -6.14
CA GLY A 331 -2.76 11.93 -5.23
C GLY A 331 -2.55 10.62 -5.93
N TRP A 332 -1.46 9.93 -5.61
CA TRP A 332 -1.14 8.67 -6.28
C TRP A 332 -1.43 7.43 -5.45
N TYR A 333 -0.41 6.61 -5.23
CA TYR A 333 -0.62 5.40 -4.44
C TYR A 333 -1.01 5.84 -3.04
N SER A 334 -1.72 4.98 -2.32
CA SER A 334 -2.11 5.27 -0.95
C SER A 334 -2.03 3.93 -0.25
N PHE A 335 -2.12 3.92 1.07
CA PHE A 335 -1.99 2.66 1.81
C PHE A 335 -2.38 2.81 3.28
N GLY A 336 -2.46 1.68 3.97
CA GLY A 336 -2.79 1.72 5.37
C GLY A 336 -1.77 1.02 6.24
N PHE A 337 -1.69 1.46 7.48
CA PHE A 337 -0.79 0.87 8.46
C PHE A 337 -1.37 1.22 9.82
N GLU A 338 -0.88 0.59 10.88
CA GLU A 338 -1.41 0.89 12.21
C GLU A 338 -0.35 1.03 13.29
N ILE A 339 -0.31 2.23 13.87
CA ILE A 339 0.63 2.52 14.94
C ILE A 339 0.17 1.76 16.18
N LYS A 340 1.11 1.29 16.97
CA LYS A 340 0.77 0.54 18.18
C LYS A 340 0.95 1.40 19.43
N ASP A 341 -0.17 1.71 20.08
CA ASP A 341 -0.16 2.49 21.30
C ASP A 341 -0.01 1.46 22.43
N LYS A 342 -0.02 1.92 23.67
CA LYS A 342 0.14 1.02 24.80
C LYS A 342 -0.93 -0.06 24.91
N LYS A 343 -2.19 0.28 24.62
CA LYS A 343 -3.26 -0.70 24.72
C LYS A 343 -4.21 -0.78 23.52
N CYS A 344 -3.86 -0.13 22.42
CA CYS A 344 -4.70 -0.14 21.23
C CYS A 344 -3.93 0.23 19.97
N ASP A 345 -4.49 -0.13 18.83
CA ASP A 345 -3.84 0.18 17.56
C ASP A 345 -4.46 1.38 16.93
N VAL A 346 -3.63 2.20 16.30
CA VAL A 346 -4.06 3.43 15.65
C VAL A 346 -4.02 3.33 14.12
N PRO A 347 -5.20 3.17 13.47
CA PRO A 347 -5.31 3.06 12.01
C PRO A 347 -4.94 4.35 11.29
N CYS A 348 -4.07 4.25 10.28
CA CYS A 348 -3.65 5.43 9.54
C CYS A 348 -3.65 5.17 8.05
N ILE A 349 -3.65 6.23 7.25
CA ILE A 349 -3.63 6.10 5.80
C ILE A 349 -2.51 6.95 5.23
N GLY A 350 -1.55 6.32 4.59
CA GLY A 350 -0.45 7.06 3.98
C GLY A 350 -0.79 7.34 2.54
N ILE A 351 -0.27 8.42 1.98
CA ILE A 351 -0.55 8.77 0.58
C ILE A 351 0.72 9.15 -0.18
N GLU A 352 0.91 8.54 -1.35
CA GLU A 352 2.07 8.83 -2.17
C GLU A 352 1.77 10.03 -3.07
N MET A 353 2.51 11.11 -2.88
CA MET A 353 2.30 12.33 -3.68
C MET A 353 3.45 12.53 -4.67
N VAL A 354 3.35 11.87 -5.82
CA VAL A 354 4.38 11.95 -6.83
C VAL A 354 4.60 13.32 -7.50
N HIS A 355 5.87 13.65 -7.72
CA HIS A 355 6.30 14.89 -8.38
C HIS A 355 6.62 14.54 -9.82
N ASP A 356 5.59 14.42 -10.65
CA ASP A 356 5.78 14.06 -12.06
C ASP A 356 6.02 15.25 -12.97
N GLY A 357 7.18 15.26 -13.60
CA GLY A 357 7.50 16.35 -14.50
C GLY A 357 7.87 15.84 -15.88
N GLY A 358 7.49 14.60 -16.16
CA GLY A 358 7.82 14.00 -17.43
C GLY A 358 9.04 13.14 -17.28
N LYS A 359 9.34 12.36 -18.33
CA LYS A 359 10.49 11.46 -18.31
C LYS A 359 11.81 12.22 -18.49
N ASP A 360 11.72 13.52 -18.76
CA ASP A 360 12.91 14.34 -18.97
C ASP A 360 13.54 14.89 -17.69
N THR A 361 12.93 14.60 -16.55
CA THR A 361 13.46 15.07 -15.28
C THR A 361 13.30 14.02 -14.19
N TRP A 362 13.67 14.37 -12.96
CA TRP A 362 13.54 13.42 -11.86
C TRP A 362 12.07 13.14 -11.59
N HIS A 363 11.82 12.01 -10.94
CA HIS A 363 10.46 11.56 -10.65
C HIS A 363 10.49 10.99 -9.24
N SER A 364 10.07 11.79 -8.26
CA SER A 364 10.07 11.34 -6.87
C SER A 364 8.73 11.60 -6.17
N ALA A 365 8.61 11.17 -4.92
CA ALA A 365 7.35 11.34 -4.20
C ALA A 365 7.45 11.77 -2.74
N ALA A 366 6.37 12.39 -2.27
CA ALA A 366 6.26 12.82 -0.88
C ALA A 366 5.28 11.84 -0.24
N THR A 367 5.29 11.75 1.08
CA THR A 367 4.38 10.83 1.77
C THR A 367 3.59 11.52 2.87
N ALA A 368 2.33 11.81 2.56
CA ALA A 368 1.44 12.47 3.51
C ALA A 368 0.73 11.41 4.34
N ILE A 369 0.65 11.64 5.65
CA ILE A 369 0.01 10.71 6.56
C ILE A 369 -1.23 11.31 7.24
N TYR A 370 -2.21 10.44 7.50
CA TYR A 370 -3.45 10.81 8.16
C TYR A 370 -3.81 9.68 9.13
N CYS A 371 -4.16 10.03 10.37
CA CYS A 371 -4.49 8.99 11.34
C CYS A 371 -5.77 9.27 12.09
N LEU A 372 -6.37 8.21 12.63
CA LEU A 372 -7.59 8.34 13.42
C LEU A 372 -7.23 8.98 14.75
N MET A 373 -7.89 10.07 15.08
CA MET A 373 -7.64 10.75 16.35
C MET A 373 -8.73 11.76 16.67
N GLY A 374 -9.39 11.53 17.80
CA GLY A 374 -10.45 12.44 18.22
C GLY A 374 -11.69 12.31 17.36
N SER A 375 -12.57 13.29 17.46
CA SER A 375 -13.81 13.27 16.70
C SER A 375 -14.02 14.52 15.84
N GLY A 376 -15.18 14.57 15.18
CA GLY A 376 -15.48 15.71 14.34
C GLY A 376 -15.24 15.36 12.90
N GLN A 377 -14.63 16.26 12.15
CA GLN A 377 -14.36 16.00 10.74
C GLN A 377 -12.92 16.34 10.38
N LEU A 378 -12.49 15.82 9.23
CA LEU A 378 -11.15 16.07 8.72
C LEU A 378 -11.12 17.58 8.53
N LEU A 379 -10.08 18.23 9.05
CA LEU A 379 -9.96 19.67 8.99
C LEU A 379 -9.09 20.21 7.86
N TRP A 380 -7.85 19.73 7.79
CA TRP A 380 -6.94 20.24 6.77
C TRP A 380 -6.48 19.26 5.73
N ASP A 381 -6.13 19.80 4.57
CA ASP A 381 -5.64 19.03 3.45
C ASP A 381 -4.11 19.13 3.41
N THR A 382 -3.48 18.33 2.56
CA THR A 382 -2.02 18.32 2.46
C THR A 382 -1.43 18.78 1.13
N VAL A 383 -0.26 19.42 1.21
CA VAL A 383 0.46 19.93 0.04
C VAL A 383 1.94 19.55 0.16
N THR A 384 2.59 19.25 -0.96
CA THR A 384 4.00 18.88 -0.95
C THR A 384 4.89 20.11 -0.78
N GLY A 385 4.42 21.24 -1.31
CA GLY A 385 5.17 22.48 -1.22
C GLY A 385 6.42 22.53 -2.08
N VAL A 386 6.58 21.54 -2.96
CA VAL A 386 7.76 21.44 -3.83
C VAL A 386 7.60 22.09 -5.21
N ASP A 387 8.63 22.81 -5.65
CA ASP A 387 8.64 23.46 -6.96
C ASP A 387 9.73 22.83 -7.83
N MET A 388 9.39 21.71 -8.45
CA MET A 388 10.28 20.93 -9.30
C MET A 388 11.34 21.65 -10.14
N ALA A 389 11.14 22.92 -10.45
CA ALA A 389 12.12 23.64 -11.26
C ALA A 389 13.32 24.16 -10.48
N LEU A 390 13.34 23.95 -9.17
CA LEU A 390 14.45 24.41 -8.33
C LEU A 390 15.57 23.38 -8.19
#